data_7UXI
#
_entry.id   7UXI
#
_cell.length_a   54.330
_cell.length_b   65.800
_cell.length_c   72.270
_cell.angle_alpha   90.000
_cell.angle_beta   90.000
_cell.angle_gamma   90.000
#
_symmetry.space_group_name_H-M   'P 21 21 21'
#
loop_
_entity.id
_entity.type
_entity.pdbx_description
1 polymer 'Cyclin-dependent kinase 2'
2 polymer FP19711
3 non-polymer 'AMINO GROUP'
4 non-polymer "N,N'-(1,4-phenylene)diacetamide"
5 water water
#
loop_
_entity_poly.entity_id
_entity_poly.type
_entity_poly.pdbx_seq_one_letter_code
_entity_poly.pdbx_strand_id
1 'polypeptide(L)'
;GMENFQKVEKIGEGTYGVVYKARNKLTGEVVALKKIRLDTETEGVPSTAIREISLLKELNHPNIVKLLDVIHTENKLYLV
FEFLHQDLKKFMDASALTGIPLPLIKSYLFQLLQGLAFCHSHRVLHRDLKPQNLLINTEGAIKLADFGLARAFGVPVRTY
THEVVTLWYRAPEILLGCKYYSTAVDIWSLGCIFAEMVTRRALFPGDSEIDQLFRIFRTLGTPDEVVWPGVTSMPDYKPS
FPKWARQDFSKVVPPLDEDGRSLLSQMLHYDPNKRISAKAALAHPFFQDVTKPVPHLRL
;
A
2 'polypeptide(L)' DPAWWVCAIAAIECSDV B
#
# COMPACT_ATOMS: atom_id res chain seq x y z
N GLU A 3 -0.27 -32.82 18.97
CA GLU A 3 0.95 -33.09 18.22
C GLU A 3 1.77 -31.83 18.01
N ASN A 4 3.10 -31.96 18.09
CA ASN A 4 4.01 -30.88 17.71
C ASN A 4 4.55 -31.11 16.31
N PHE A 5 3.62 -31.37 15.39
CA PHE A 5 3.95 -31.64 13.99
C PHE A 5 4.05 -30.39 13.15
N GLN A 6 3.90 -29.20 13.73
CA GLN A 6 4.18 -28.01 12.94
C GLN A 6 5.25 -27.20 13.65
N LYS A 7 5.68 -26.15 12.98
CA LYS A 7 6.71 -25.25 13.48
C LYS A 7 6.24 -23.82 13.30
N VAL A 8 5.95 -23.14 14.43
CA VAL A 8 5.47 -21.77 14.44
C VAL A 8 6.60 -20.90 14.97
N GLU A 9 6.84 -19.77 14.31
CA GLU A 9 7.91 -18.88 14.75
C GLU A 9 7.53 -17.43 14.49
N LYS A 10 7.91 -16.56 15.41
CA LYS A 10 7.64 -15.14 15.30
C LYS A 10 8.46 -14.58 14.15
N ILE A 11 7.84 -13.73 13.35
CA ILE A 11 8.53 -13.14 12.21
C ILE A 11 8.87 -11.69 12.47
N GLY A 12 8.28 -11.12 13.52
CA GLY A 12 8.56 -9.74 13.87
C GLY A 12 7.41 -8.79 13.68
N GLU A 13 7.76 -7.51 13.45
CA GLU A 13 6.94 -6.34 13.18
C GLU A 13 6.10 -5.88 14.36
N GLY A 14 5.41 -4.75 14.16
CA GLY A 14 4.53 -4.18 15.16
C GLY A 14 3.31 -3.59 14.49
N THR A 15 3.15 -2.27 14.62
CA THR A 15 2.02 -1.53 14.05
C THR A 15 0.72 -2.22 14.46
N TYR A 16 0.16 -3.05 13.58
CA TYR A 16 -1.10 -3.71 13.87
C TYR A 16 -0.90 -4.96 14.72
N GLY A 17 -0.01 -5.85 14.33
CA GLY A 17 0.19 -7.04 15.13
C GLY A 17 1.50 -7.75 14.90
N VAL A 18 1.56 -8.99 15.38
CA VAL A 18 2.71 -9.87 15.23
C VAL A 18 2.45 -10.78 14.05
N VAL A 19 3.46 -10.98 13.22
CA VAL A 19 3.36 -11.87 12.07
C VAL A 19 4.14 -13.14 12.38
N TYR A 20 3.55 -14.28 12.03
CA TYR A 20 4.11 -15.60 12.32
C TYR A 20 4.26 -16.41 11.03
N LYS A 21 5.24 -17.30 11.01
CA LYS A 21 5.42 -18.27 9.93
C LYS A 21 5.16 -19.66 10.48
N ALA A 22 4.20 -20.37 9.87
CA ALA A 22 3.87 -21.73 10.30
C ALA A 22 4.14 -22.69 9.15
N ARG A 23 4.85 -23.77 9.45
CA ARG A 23 5.12 -24.82 8.47
C ARG A 23 4.52 -26.13 8.95
N ASN A 24 3.93 -26.87 8.01
CA ASN A 24 3.45 -28.22 8.27
C ASN A 24 4.59 -29.19 7.99
N LYS A 25 5.13 -29.79 9.05
CA LYS A 25 6.30 -30.65 8.88
C LYS A 25 6.01 -31.81 7.94
N LEU A 26 4.86 -32.47 8.13
CA LEU A 26 4.56 -33.66 7.33
C LEU A 26 4.38 -33.31 5.86
N THR A 27 3.75 -32.17 5.57
CA THR A 27 3.44 -31.83 4.19
C THR A 27 4.33 -30.73 3.63
N GLY A 28 5.05 -30.01 4.48
CA GLY A 28 5.88 -28.91 4.04
C GLY A 28 5.14 -27.59 3.82
N GLU A 29 3.81 -27.61 3.83
CA GLU A 29 3.03 -26.41 3.56
C GLU A 29 3.39 -25.30 4.55
N VAL A 30 3.33 -24.06 4.06
CA VAL A 30 3.68 -22.89 4.85
C VAL A 30 2.57 -21.86 4.69
N VAL A 31 2.16 -21.24 5.80
CA VAL A 31 1.25 -20.10 5.78
C VAL A 31 1.79 -19.04 6.72
N ALA A 32 1.39 -17.80 6.45
CA ALA A 32 1.67 -16.70 7.35
C ALA A 32 0.46 -16.44 8.23
N LEU A 33 0.72 -15.92 9.43
CA LEU A 33 -0.34 -15.56 10.36
C LEU A 33 -0.03 -14.20 10.94
N LYS A 34 -1.06 -13.38 11.09
CA LYS A 34 -0.94 -12.09 11.76
C LYS A 34 -1.95 -12.06 12.91
N LYS A 35 -1.44 -11.94 14.13
CA LYS A 35 -2.25 -11.82 15.32
C LYS A 35 -2.35 -10.36 15.70
N ILE A 36 -3.58 -9.88 15.87
CA ILE A 36 -3.85 -8.47 16.15
C ILE A 36 -4.93 -8.38 17.22
N ARG A 37 -4.66 -7.67 18.30
CA ARG A 37 -5.56 -7.59 19.44
C ARG A 37 -6.62 -6.50 19.23
N LEU A 38 -7.72 -6.62 19.97
CA LEU A 38 -8.82 -5.68 19.93
C LEU A 38 -9.07 -5.12 21.33
N ASP A 39 -10.06 -4.24 21.44
CA ASP A 39 -10.46 -3.68 22.72
C ASP A 39 -11.97 -3.53 22.81
N SER A 47 -16.86 -5.64 15.51
CA SER A 47 -17.30 -6.49 14.42
C SER A 47 -17.26 -5.78 13.08
N THR A 48 -17.06 -4.46 13.07
CA THR A 48 -16.96 -3.75 11.81
C THR A 48 -15.67 -4.12 11.09
N ALA A 49 -14.62 -4.41 11.87
CA ALA A 49 -13.34 -4.84 11.30
C ALA A 49 -13.48 -6.15 10.53
N ILE A 50 -14.14 -7.14 11.14
CA ILE A 50 -14.26 -8.45 10.52
C ILE A 50 -14.96 -8.36 9.17
N ARG A 51 -16.02 -7.57 9.10
CA ARG A 51 -16.77 -7.41 7.87
C ARG A 51 -15.89 -6.93 6.73
N GLU A 52 -15.16 -5.84 6.96
CA GLU A 52 -14.31 -5.25 5.93
C GLU A 52 -13.05 -6.09 5.68
N ILE A 53 -12.51 -6.73 6.71
CA ILE A 53 -11.31 -7.54 6.51
C ILE A 53 -11.67 -8.82 5.74
N SER A 54 -12.87 -9.38 5.99
CA SER A 54 -13.21 -10.68 5.42
C SER A 54 -13.52 -10.61 3.93
N LEU A 55 -14.00 -9.46 3.44
CA LEU A 55 -14.24 -9.29 2.00
C LEU A 55 -13.04 -9.67 1.14
N LEU A 56 -11.83 -9.61 1.69
CA LEU A 56 -10.68 -9.93 0.87
C LEU A 56 -10.52 -11.42 0.63
N LYS A 57 -11.26 -12.27 1.36
CA LYS A 57 -11.35 -13.67 0.98
C LYS A 57 -12.04 -13.85 -0.37
N GLU A 58 -12.94 -12.91 -0.74
CA GLU A 58 -13.68 -13.00 -1.99
C GLU A 58 -12.96 -12.39 -3.18
N LEU A 59 -11.93 -11.57 -2.95
CA LEU A 59 -11.24 -10.85 -4.01
C LEU A 59 -9.99 -11.64 -4.39
N ASN A 60 -10.06 -12.35 -5.51
CA ASN A 60 -8.98 -13.22 -5.95
C ASN A 60 -8.31 -12.62 -7.17
N HIS A 61 -7.04 -12.25 -7.03
CA HIS A 61 -6.29 -11.59 -8.07
C HIS A 61 -4.82 -11.87 -7.79
N PRO A 62 -4.00 -12.11 -8.82
CA PRO A 62 -2.58 -12.42 -8.55
C PRO A 62 -1.80 -11.30 -7.90
N ASN A 63 -2.29 -10.06 -7.98
CA ASN A 63 -1.62 -8.95 -7.30
C ASN A 63 -2.34 -8.53 -6.03
N ILE A 64 -3.12 -9.43 -5.43
CA ILE A 64 -3.72 -9.23 -4.12
C ILE A 64 -3.40 -10.46 -3.28
N VAL A 65 -2.94 -10.22 -2.05
CA VAL A 65 -2.51 -11.33 -1.21
C VAL A 65 -3.69 -12.26 -0.97
N LYS A 66 -3.44 -13.56 -1.04
CA LYS A 66 -4.47 -14.55 -0.83
C LYS A 66 -4.76 -14.64 0.67
N LEU A 67 -5.92 -14.16 1.08
CA LEU A 67 -6.36 -14.23 2.48
C LEU A 67 -7.12 -15.53 2.68
N LEU A 68 -6.53 -16.46 3.44
CA LEU A 68 -7.13 -17.77 3.67
C LEU A 68 -8.28 -17.71 4.67
N ASP A 69 -8.12 -16.98 5.78
CA ASP A 69 -9.23 -16.89 6.72
C ASP A 69 -9.02 -15.73 7.68
N VAL A 70 -10.11 -15.34 8.32
CA VAL A 70 -10.14 -14.33 9.38
C VAL A 70 -10.83 -14.98 10.57
N ILE A 71 -10.14 -15.00 11.70
CA ILE A 71 -10.55 -15.79 12.85
C ILE A 71 -10.64 -14.89 14.07
N HIS A 72 -11.86 -14.72 14.57
CA HIS A 72 -12.17 -13.88 15.73
C HIS A 72 -12.32 -14.83 16.92
N THR A 73 -11.28 -14.90 17.74
CA THR A 73 -11.31 -15.71 18.96
C THR A 73 -11.14 -14.80 20.17
N GLU A 74 -12.17 -14.78 21.02
CA GLU A 74 -12.20 -13.93 22.20
C GLU A 74 -11.89 -12.48 21.85
N ASN A 75 -10.79 -11.94 22.37
CA ASN A 75 -10.39 -10.57 22.06
C ASN A 75 -9.11 -10.54 21.24
N LYS A 76 -9.07 -11.33 20.18
CA LYS A 76 -7.95 -11.34 19.24
C LYS A 76 -8.49 -11.65 17.85
N LEU A 77 -7.67 -11.36 16.84
CA LEU A 77 -8.05 -11.59 15.46
C LEU A 77 -6.86 -12.19 14.74
N TYR A 78 -7.03 -13.41 14.23
CA TYR A 78 -5.97 -14.11 13.52
C TYR A 78 -6.26 -14.05 12.02
N LEU A 79 -5.33 -13.51 11.25
CA LEU A 79 -5.43 -13.46 9.81
C LEU A 79 -4.49 -14.49 9.24
N VAL A 80 -5.00 -15.41 8.42
CA VAL A 80 -4.22 -16.47 7.81
C VAL A 80 -4.08 -16.15 6.32
N PHE A 81 -2.85 -16.17 5.82
CA PHE A 81 -2.66 -15.80 4.43
C PHE A 81 -1.39 -16.45 3.89
N GLU A 82 -1.27 -16.44 2.56
CA GLU A 82 -0.11 -17.03 1.91
C GLU A 82 1.17 -16.34 2.37
N PHE A 83 2.25 -17.10 2.40
CA PHE A 83 3.52 -16.64 2.95
C PHE A 83 4.37 -16.04 1.85
N LEU A 84 4.47 -14.70 1.82
CA LEU A 84 5.41 -14.03 0.94
C LEU A 84 6.62 -13.57 1.73
N HIS A 85 7.78 -13.55 1.06
CA HIS A 85 9.04 -13.48 1.78
C HIS A 85 9.36 -12.10 2.32
N GLN A 86 8.86 -11.03 1.71
CA GLN A 86 9.34 -9.70 2.09
C GLN A 86 8.32 -8.64 1.70
N ASP A 87 8.41 -7.47 2.35
CA ASP A 87 7.60 -6.33 1.95
C ASP A 87 8.44 -5.33 1.18
N LEU A 88 7.76 -4.43 0.46
CA LEU A 88 8.46 -3.47 -0.40
C LEU A 88 9.28 -2.46 0.38
N LYS A 89 8.84 -2.06 1.58
CA LYS A 89 9.65 -1.13 2.40
C LYS A 89 11.00 -1.72 2.77
N LYS A 90 11.06 -2.99 3.13
CA LYS A 90 12.35 -3.59 3.47
C LYS A 90 13.21 -3.78 2.22
N PHE A 91 12.58 -4.09 1.09
CA PHE A 91 13.30 -4.20 -0.17
C PHE A 91 13.86 -2.84 -0.61
N MET A 92 13.09 -1.76 -0.42
CA MET A 92 13.61 -0.44 -0.73
C MET A 92 14.82 -0.10 0.14
N ASP A 93 14.75 -0.40 1.44
CA ASP A 93 15.90 -0.18 2.33
C ASP A 93 17.11 -0.94 1.84
N ALA A 94 16.95 -2.23 1.53
CA ALA A 94 18.06 -3.04 1.05
C ALA A 94 18.62 -2.53 -0.27
N SER A 95 17.79 -1.85 -1.07
CA SER A 95 18.19 -1.34 -2.36
C SER A 95 18.65 0.11 -2.32
N ALA A 96 18.76 0.70 -1.13
CA ALA A 96 19.01 2.13 -1.01
C ALA A 96 20.34 2.54 -1.63
N LEU A 97 21.36 1.68 -1.49
CA LEU A 97 22.68 2.03 -2.00
C LEU A 97 22.71 1.98 -3.52
N THR A 98 22.10 0.97 -4.11
CA THR A 98 22.11 0.77 -5.55
C THR A 98 20.88 1.34 -6.25
N GLY A 99 19.73 1.34 -5.60
CA GLY A 99 18.48 1.67 -6.26
C GLY A 99 17.84 0.42 -6.84
N ILE A 100 16.52 0.38 -6.93
CA ILE A 100 15.84 -0.71 -7.62
C ILE A 100 15.97 -0.47 -9.12
N PRO A 101 16.41 -1.46 -9.91
CA PRO A 101 16.49 -1.28 -11.36
C PRO A 101 15.14 -0.86 -11.92
N LEU A 102 15.17 0.10 -12.83
CA LEU A 102 13.93 0.69 -13.32
C LEU A 102 13.00 -0.32 -14.00
N PRO A 103 13.48 -1.32 -14.76
CA PRO A 103 12.55 -2.38 -15.21
C PRO A 103 11.80 -3.03 -14.07
N LEU A 104 12.44 -3.20 -12.91
CA LEU A 104 11.72 -3.77 -11.76
C LEU A 104 10.71 -2.77 -11.20
N ILE A 105 11.10 -1.50 -11.06
CA ILE A 105 10.14 -0.47 -10.62
C ILE A 105 8.92 -0.44 -11.52
N LYS A 106 9.14 -0.48 -12.84
CA LYS A 106 8.05 -0.43 -13.80
C LYS A 106 7.12 -1.63 -13.65
N SER A 107 7.71 -2.83 -13.56
CA SER A 107 6.94 -4.05 -13.36
C SER A 107 6.12 -3.99 -12.08
N TYR A 108 6.75 -3.59 -10.98
CA TYR A 108 6.03 -3.51 -9.70
C TYR A 108 4.88 -2.51 -9.79
N LEU A 109 5.12 -1.33 -10.37
CA LEU A 109 4.06 -0.35 -10.51
C LEU A 109 2.95 -0.87 -11.41
N PHE A 110 3.32 -1.51 -12.52
CA PHE A 110 2.35 -2.10 -13.43
C PHE A 110 1.48 -3.13 -12.73
N GLN A 111 2.11 -4.04 -11.98
CA GLN A 111 1.38 -5.06 -11.24
C GLN A 111 0.47 -4.46 -10.18
N LEU A 112 0.92 -3.39 -9.52
CA LEU A 112 0.09 -2.79 -8.48
C LEU A 112 -1.12 -2.08 -9.10
N LEU A 113 -0.94 -1.43 -10.24
CA LEU A 113 -2.07 -0.84 -10.94
C LEU A 113 -3.05 -1.91 -11.41
N GLN A 114 -2.55 -3.09 -11.77
CA GLN A 114 -3.43 -4.22 -12.08
C GLN A 114 -4.31 -4.56 -10.88
N GLY A 115 -3.70 -4.68 -9.70
CA GLY A 115 -4.45 -5.07 -8.52
C GLY A 115 -5.46 -4.02 -8.11
N LEU A 116 -5.08 -2.74 -8.19
CA LEU A 116 -6.02 -1.68 -7.88
C LEU A 116 -7.15 -1.59 -8.90
N ALA A 117 -6.86 -1.85 -10.18
CA ALA A 117 -7.94 -1.86 -11.16
C ALA A 117 -8.97 -2.91 -10.81
N PHE A 118 -8.51 -4.09 -10.36
CA PHE A 118 -9.42 -5.15 -9.92
C PHE A 118 -10.22 -4.71 -8.70
N CYS A 119 -9.53 -4.18 -7.68
CA CYS A 119 -10.21 -3.68 -6.48
C CYS A 119 -11.24 -2.63 -6.84
N HIS A 120 -10.83 -1.65 -7.64
CA HIS A 120 -11.68 -0.51 -7.93
C HIS A 120 -12.87 -0.90 -8.82
N SER A 121 -12.71 -1.92 -9.66
CA SER A 121 -13.85 -2.40 -10.44
C SER A 121 -14.91 -3.02 -9.54
N HIS A 122 -14.51 -3.52 -8.37
CA HIS A 122 -15.44 -4.03 -7.36
C HIS A 122 -15.84 -2.96 -6.35
N ARG A 123 -15.53 -1.70 -6.63
CA ARG A 123 -15.81 -0.60 -5.70
C ARG A 123 -15.22 -0.86 -4.31
N VAL A 124 -14.04 -1.50 -4.29
CA VAL A 124 -13.30 -1.76 -3.05
C VAL A 124 -12.04 -0.89 -3.06
N LEU A 125 -11.84 -0.15 -1.97
CA LEU A 125 -10.72 0.77 -1.80
C LEU A 125 -9.79 0.24 -0.72
N HIS A 126 -8.48 0.46 -0.89
CA HIS A 126 -7.57 0.13 0.19
C HIS A 126 -7.54 1.22 1.26
N ARG A 127 -7.32 2.48 0.83
CA ARG A 127 -7.44 3.69 1.66
C ARG A 127 -6.19 3.96 2.51
N ASP A 128 -5.36 2.95 2.72
CA ASP A 128 -4.21 3.08 3.62
C ASP A 128 -2.96 2.52 2.97
N LEU A 129 -2.79 2.72 1.67
CA LEU A 129 -1.66 2.16 0.96
C LEU A 129 -0.34 2.75 1.46
N LYS A 130 0.64 1.88 1.71
CA LYS A 130 2.01 2.31 2.00
C LYS A 130 2.94 1.17 1.63
N PRO A 131 4.25 1.44 1.50
CA PRO A 131 5.17 0.36 1.12
C PRO A 131 5.08 -0.84 2.04
N GLN A 132 4.75 -0.64 3.33
CA GLN A 132 4.76 -1.76 4.27
C GLN A 132 3.70 -2.79 3.93
N ASN A 133 2.66 -2.37 3.18
CA ASN A 133 1.51 -3.19 2.82
C ASN A 133 1.69 -3.94 1.51
N LEU A 134 2.85 -3.85 0.88
CA LEU A 134 3.08 -4.45 -0.43
C LEU A 134 4.09 -5.56 -0.27
N LEU A 135 3.69 -6.79 -0.60
CA LEU A 135 4.49 -7.98 -0.40
C LEU A 135 5.00 -8.48 -1.74
N ILE A 136 6.24 -9.01 -1.74
CA ILE A 136 6.92 -9.48 -2.94
C ILE A 136 7.40 -10.91 -2.71
N ASN A 137 7.59 -11.65 -3.81
CA ASN A 137 8.16 -12.99 -3.75
C ASN A 137 9.42 -13.07 -4.62
N THR A 138 10.02 -14.25 -4.65
CA THR A 138 11.27 -14.44 -5.40
C THR A 138 11.06 -14.51 -6.91
N GLU A 139 9.82 -14.69 -7.37
CA GLU A 139 9.53 -14.82 -8.80
C GLU A 139 9.11 -13.52 -9.46
N GLY A 140 9.16 -12.39 -8.76
CA GLY A 140 8.94 -11.10 -9.39
C GLY A 140 7.57 -10.50 -9.20
N ALA A 141 6.69 -11.12 -8.41
CA ALA A 141 5.34 -10.60 -8.19
C ALA A 141 5.31 -9.67 -6.99
N ILE A 142 4.37 -8.74 -6.99
CA ILE A 142 4.12 -7.86 -5.85
C ILE A 142 2.61 -7.80 -5.65
N LYS A 143 2.18 -7.78 -4.38
CA LYS A 143 0.76 -7.94 -4.08
C LYS A 143 0.32 -6.96 -3.01
N LEU A 144 -0.89 -6.44 -3.18
CA LEU A 144 -1.51 -5.57 -2.19
C LEU A 144 -1.98 -6.37 -0.99
N ALA A 145 -1.72 -5.85 0.21
CA ALA A 145 -2.08 -6.54 1.43
C ALA A 145 -2.63 -5.55 2.45
N ASP A 146 -3.19 -6.10 3.53
CA ASP A 146 -3.61 -5.36 4.72
C ASP A 146 -4.88 -4.53 4.50
N PHE A 147 -5.78 -4.97 3.62
CA PHE A 147 -7.06 -4.28 3.48
C PHE A 147 -7.85 -4.33 4.77
N GLY A 148 -8.38 -3.18 5.19
CA GLY A 148 -9.31 -3.11 6.28
C GLY A 148 -8.72 -3.20 7.68
N LEU A 149 -7.40 -3.33 7.81
CA LEU A 149 -6.81 -3.55 9.13
C LEU A 149 -7.02 -2.36 10.04
N ALA A 150 -6.98 -1.14 9.49
CA ALA A 150 -7.12 0.05 10.32
C ALA A 150 -8.45 0.06 11.06
N ARG A 151 -9.47 -0.61 10.51
CA ARG A 151 -10.77 -0.65 11.16
C ARG A 151 -10.74 -1.38 12.49
N ALA A 152 -9.74 -2.22 12.72
CA ALA A 152 -9.62 -2.97 13.96
C ALA A 152 -8.91 -2.13 15.03
N GLU A 163 -2.02 5.86 11.70
CA GLU A 163 -2.29 7.22 11.23
C GLU A 163 -1.00 8.02 11.08
N VAL A 164 -0.11 7.89 12.05
CA VAL A 164 1.21 8.51 11.92
C VAL A 164 1.97 7.85 10.79
N VAL A 165 1.93 6.53 10.71
CA VAL A 165 2.72 5.82 9.70
C VAL A 165 2.15 6.02 8.31
N THR A 166 0.82 6.16 8.20
CA THR A 166 0.13 6.23 6.93
C THR A 166 0.15 7.63 6.32
N LEU A 167 0.63 8.63 7.09
CA LEU A 167 0.42 10.02 6.72
C LEU A 167 1.10 10.41 5.40
N TRP A 168 2.31 9.90 5.15
CA TRP A 168 3.07 10.38 4.00
C TRP A 168 2.39 10.07 2.66
N TYR A 169 1.48 9.10 2.63
CA TYR A 169 0.86 8.64 1.39
C TYR A 169 -0.61 9.05 1.29
N ARG A 170 -1.07 9.99 2.11
CA ARG A 170 -2.48 10.37 2.14
CA ARG A 170 -2.48 10.36 2.12
C ARG A 170 -2.77 11.44 1.08
N ALA A 171 -3.83 11.21 0.29
CA ALA A 171 -4.24 12.17 -0.72
C ALA A 171 -4.74 13.47 -0.09
N PRO A 172 -4.56 14.61 -0.78
CA PRO A 172 -4.90 15.91 -0.17
C PRO A 172 -6.34 16.08 0.24
N GLU A 173 -7.28 15.49 -0.51
CA GLU A 173 -8.69 15.61 -0.15
C GLU A 173 -8.98 14.99 1.21
N ILE A 174 -8.27 13.93 1.58
CA ILE A 174 -8.40 13.35 2.92
C ILE A 174 -7.86 14.32 3.98
N LEU A 175 -6.69 14.89 3.72
CA LEU A 175 -6.09 15.83 4.66
C LEU A 175 -6.93 17.08 4.82
N LEU A 176 -7.70 17.45 3.79
CA LEU A 176 -8.59 18.62 3.86
C LEU A 176 -9.96 18.29 4.44
N GLY A 177 -10.14 17.07 4.93
CA GLY A 177 -11.36 16.74 5.65
C GLY A 177 -12.51 16.27 4.80
N CYS A 178 -12.26 15.90 3.54
CA CYS A 178 -13.34 15.45 2.67
C CYS A 178 -13.92 14.16 3.20
N LYS A 179 -15.23 14.01 3.05
CA LYS A 179 -15.95 12.86 3.59
C LYS A 179 -16.14 11.74 2.57
N TYR A 180 -15.92 12.00 1.28
CA TYR A 180 -16.08 11.00 0.23
C TYR A 180 -14.70 10.61 -0.26
N TYR A 181 -14.30 9.36 -0.01
CA TYR A 181 -13.05 8.81 -0.54
C TYR A 181 -13.36 8.09 -1.85
N SER A 182 -12.85 8.60 -2.94
CA SER A 182 -12.98 7.90 -4.21
C SER A 182 -11.82 6.94 -4.40
N THR A 183 -11.89 6.16 -5.48
CA THR A 183 -10.77 5.32 -5.86
C THR A 183 -9.50 6.13 -6.09
N ALA A 184 -9.61 7.44 -6.28
CA ALA A 184 -8.43 8.26 -6.56
C ALA A 184 -7.48 8.36 -5.38
N VAL A 185 -7.92 8.06 -4.15
CA VAL A 185 -7.01 8.15 -3.01
C VAL A 185 -5.96 7.07 -3.09
N ASP A 186 -6.30 5.91 -3.67
CA ASP A 186 -5.33 4.84 -3.82
C ASP A 186 -4.32 5.17 -4.91
N ILE A 187 -4.75 5.90 -5.94
CA ILE A 187 -3.83 6.28 -7.02
C ILE A 187 -2.82 7.31 -6.53
N TRP A 188 -3.27 8.26 -5.73
CA TRP A 188 -2.35 9.19 -5.08
C TRP A 188 -1.28 8.43 -4.30
N SER A 189 -1.70 7.54 -3.38
CA SER A 189 -0.75 6.81 -2.56
C SER A 189 0.25 6.04 -3.39
N LEU A 190 -0.21 5.40 -4.47
CA LEU A 190 0.69 4.66 -5.34
C LEU A 190 1.64 5.59 -6.08
N GLY A 191 1.14 6.77 -6.48
CA GLY A 191 2.02 7.76 -7.07
C GLY A 191 3.17 8.13 -6.13
N CYS A 192 2.86 8.30 -4.85
CA CYS A 192 3.91 8.60 -3.87
C CYS A 192 4.89 7.46 -3.73
N ILE A 193 4.39 6.22 -3.77
CA ILE A 193 5.28 5.06 -3.68
C ILE A 193 6.14 4.96 -4.94
N PHE A 194 5.56 5.31 -6.10
CA PHE A 194 6.33 5.35 -7.34
C PHE A 194 7.51 6.30 -7.22
N ALA A 195 7.25 7.55 -6.79
CA ALA A 195 8.33 8.52 -6.63
C ALA A 195 9.37 8.03 -5.64
N GLU A 196 8.94 7.41 -4.54
CA GLU A 196 9.89 6.93 -3.53
C GLU A 196 10.77 5.81 -4.07
N MET A 197 10.22 4.92 -4.90
CA MET A 197 11.06 3.87 -5.49
C MET A 197 12.14 4.47 -6.38
N VAL A 198 11.78 5.52 -7.13
CA VAL A 198 12.71 6.13 -8.09
C VAL A 198 13.79 6.91 -7.37
N THR A 199 13.41 7.70 -6.37
CA THR A 199 14.37 8.60 -5.75
C THR A 199 15.04 8.04 -4.50
N ARG A 200 14.50 6.95 -3.93
CA ARG A 200 14.99 6.37 -2.66
C ARG A 200 14.79 7.32 -1.48
N ARG A 201 13.83 8.23 -1.57
CA ARG A 201 13.42 9.05 -0.44
C ARG A 201 11.91 9.28 -0.53
N ALA A 202 11.24 9.34 0.62
CA ALA A 202 9.80 9.59 0.60
C ALA A 202 9.53 10.94 -0.06
N LEU A 203 8.42 11.00 -0.79
CA LEU A 203 8.13 12.21 -1.55
C LEU A 203 7.63 13.34 -0.64
N PHE A 204 6.73 13.01 0.29
CA PHE A 204 6.10 14.00 1.16
C PHE A 204 6.16 13.45 2.58
N PRO A 205 7.32 13.56 3.26
CA PRO A 205 7.41 13.02 4.64
C PRO A 205 6.95 13.99 5.74
N GLY A 206 5.64 14.18 5.83
CA GLY A 206 5.11 15.09 6.84
C GLY A 206 5.12 14.49 8.23
N ASP A 207 5.19 15.37 9.25
CA ASP A 207 5.11 14.95 10.65
C ASP A 207 3.81 15.39 11.30
N SER A 208 2.88 15.95 10.52
CA SER A 208 1.54 16.29 11.00
C SER A 208 0.65 16.43 9.78
N GLU A 209 -0.65 16.52 10.03
CA GLU A 209 -1.57 16.72 8.92
C GLU A 209 -1.29 18.02 8.20
N ILE A 210 -0.98 19.09 8.94
CA ILE A 210 -0.72 20.37 8.27
C ILE A 210 0.66 20.39 7.63
N ASP A 211 1.65 19.72 8.24
CA ASP A 211 2.95 19.63 7.60
C ASP A 211 2.88 18.76 6.35
N GLN A 212 2.03 17.74 6.37
CA GLN A 212 1.80 16.93 5.18
C GLN A 212 1.24 17.78 4.04
N LEU A 213 0.18 18.54 4.33
CA LEU A 213 -0.42 19.41 3.33
C LEU A 213 0.61 20.40 2.78
N PHE A 214 1.35 21.06 3.67
CA PHE A 214 2.29 22.10 3.24
C PHE A 214 3.42 21.51 2.40
N ARG A 215 3.91 20.32 2.75
CA ARG A 215 4.91 19.67 1.91
C ARG A 215 4.35 19.38 0.52
N ILE A 216 3.08 18.99 0.43
CA ILE A 216 2.44 18.84 -0.88
C ILE A 216 2.35 20.19 -1.59
N PHE A 217 1.88 21.22 -0.88
CA PHE A 217 1.71 22.53 -1.52
C PHE A 217 3.03 23.05 -2.05
N ARG A 218 4.12 22.88 -1.30
CA ARG A 218 5.40 23.42 -1.73
C ARG A 218 5.91 22.75 -3.00
N THR A 219 5.53 21.49 -3.24
CA THR A 219 5.94 20.80 -4.45
C THR A 219 4.97 21.01 -5.61
N LEU A 220 3.68 20.77 -5.39
CA LEU A 220 2.74 20.83 -6.50
C LEU A 220 2.08 22.20 -6.67
N GLY A 221 2.45 23.16 -5.82
CA GLY A 221 1.78 24.45 -5.83
C GLY A 221 0.59 24.43 -4.90
N THR A 222 0.33 25.54 -4.21
CA THR A 222 -0.85 25.61 -3.34
C THR A 222 -2.09 25.57 -4.21
N PRO A 223 -3.02 24.65 -3.95
CA PRO A 223 -4.17 24.49 -4.84
C PRO A 223 -5.15 25.65 -4.71
N ASP A 224 -5.85 25.92 -5.82
CA ASP A 224 -6.85 26.98 -5.89
C ASP A 224 -8.08 26.44 -6.61
N GLU A 225 -9.14 27.27 -6.68
CA GLU A 225 -10.36 26.83 -7.33
C GLU A 225 -10.18 26.59 -8.83
N VAL A 226 -9.16 27.19 -9.45
CA VAL A 226 -8.91 26.94 -10.86
C VAL A 226 -8.45 25.50 -11.09
N VAL A 227 -7.43 25.06 -10.34
CA VAL A 227 -6.90 23.71 -10.53
C VAL A 227 -7.78 22.64 -9.88
N TRP A 228 -8.58 23.01 -8.89
CA TRP A 228 -9.32 22.05 -8.06
C TRP A 228 -10.64 22.69 -7.67
N PRO A 229 -11.63 22.68 -8.56
CA PRO A 229 -12.94 23.26 -8.23
C PRO A 229 -13.49 22.64 -6.96
N GLY A 230 -13.96 23.51 -6.05
CA GLY A 230 -14.49 23.08 -4.78
C GLY A 230 -13.51 23.02 -3.64
N VAL A 231 -12.20 23.15 -3.92
CA VAL A 231 -11.21 22.96 -2.86
C VAL A 231 -11.40 23.96 -1.73
N THR A 232 -11.81 25.20 -2.05
CA THR A 232 -11.90 26.21 -1.00
C THR A 232 -13.10 26.00 -0.08
N SER A 233 -13.98 25.06 -0.41
CA SER A 233 -15.15 24.76 0.41
C SER A 233 -15.01 23.48 1.21
N MET A 234 -13.82 22.87 1.22
CA MET A 234 -13.64 21.65 2.00
C MET A 234 -13.53 21.98 3.49
N PRO A 235 -13.83 21.01 4.36
CA PRO A 235 -13.94 21.32 5.80
C PRO A 235 -12.71 21.96 6.41
N ASP A 236 -11.51 21.53 6.04
CA ASP A 236 -10.29 22.02 6.68
C ASP A 236 -9.48 22.96 5.80
N TYR A 237 -10.06 23.46 4.72
CA TYR A 237 -9.34 24.45 3.92
C TYR A 237 -9.35 25.79 4.65
N LYS A 238 -8.22 26.49 4.61
CA LYS A 238 -8.10 27.79 5.23
C LYS A 238 -7.52 28.77 4.20
N PRO A 239 -8.16 29.92 3.97
CA PRO A 239 -7.58 30.90 3.04
C PRO A 239 -6.22 31.40 3.48
N SER A 240 -5.86 31.25 4.74
CA SER A 240 -4.56 31.68 5.24
C SER A 240 -3.43 30.71 4.87
N PHE A 241 -3.75 29.62 4.18
CA PHE A 241 -2.73 28.73 3.63
C PHE A 241 -1.69 29.56 2.86
N PRO A 242 -0.40 29.35 3.08
CA PRO A 242 0.60 30.04 2.27
C PRO A 242 0.47 29.62 0.81
N LYS A 243 0.81 30.54 -0.08
CA LYS A 243 0.64 30.33 -1.51
C LYS A 243 2.00 30.05 -2.13
N TRP A 244 2.23 28.80 -2.50
CA TRP A 244 3.48 28.38 -3.11
C TRP A 244 3.23 28.06 -4.57
N ALA A 245 4.27 28.20 -5.39
CA ALA A 245 4.15 27.90 -6.81
C ALA A 245 4.56 26.46 -7.09
N ARG A 246 4.04 25.91 -8.18
CA ARG A 246 4.34 24.55 -8.57
C ARG A 246 5.81 24.38 -8.92
N GLN A 247 6.36 23.24 -8.54
CA GLN A 247 7.75 22.94 -8.82
C GLN A 247 7.85 22.08 -10.06
N ASP A 248 9.04 22.07 -10.65
CA ASP A 248 9.33 21.28 -11.83
C ASP A 248 9.54 19.81 -11.43
N PHE A 249 8.75 18.91 -12.01
CA PHE A 249 8.90 17.50 -11.70
C PHE A 249 10.27 16.96 -12.04
N SER A 250 10.97 17.56 -13.01
CA SER A 250 12.31 17.11 -13.34
C SER A 250 13.26 17.29 -12.16
N LYS A 251 12.94 18.25 -11.27
CA LYS A 251 13.66 18.48 -10.04
C LYS A 251 13.19 17.58 -8.91
N VAL A 252 11.97 17.08 -8.98
CA VAL A 252 11.38 16.34 -7.87
C VAL A 252 11.66 14.84 -7.96
N VAL A 253 11.64 14.26 -9.16
CA VAL A 253 11.91 12.82 -9.30
C VAL A 253 12.98 12.53 -10.34
N PRO A 254 14.16 13.12 -10.26
CA PRO A 254 15.23 12.76 -11.19
C PRO A 254 15.80 11.41 -10.81
N PRO A 255 16.33 10.65 -11.79
CA PRO A 255 16.40 11.01 -13.21
C PRO A 255 15.31 10.34 -14.03
N LEU A 256 14.07 10.38 -13.53
CA LEU A 256 12.98 9.67 -14.17
C LEU A 256 12.77 10.19 -15.58
N ASP A 257 12.51 9.29 -16.52
CA ASP A 257 12.28 9.69 -17.90
C ASP A 257 10.98 10.48 -18.11
N GLU A 258 10.89 11.17 -19.24
CA GLU A 258 9.70 11.97 -19.56
C GLU A 258 8.37 11.21 -19.48
N ASP A 259 8.36 9.97 -19.94
CA ASP A 259 7.17 9.16 -19.88
C ASP A 259 6.80 8.88 -18.42
N GLY A 260 7.78 8.48 -17.62
CA GLY A 260 7.50 8.21 -16.22
C GLY A 260 7.02 9.44 -15.48
N ARG A 261 7.63 10.60 -15.80
CA ARG A 261 7.20 11.87 -15.21
C ARG A 261 5.79 12.25 -15.64
N SER A 262 5.43 12.00 -16.89
CA SER A 262 4.06 12.28 -17.32
C SER A 262 3.07 11.46 -16.51
N LEU A 263 3.34 10.16 -16.36
CA LEU A 263 2.44 9.29 -15.61
C LEU A 263 2.29 9.77 -14.17
N LEU A 264 3.42 10.02 -13.50
CA LEU A 264 3.38 10.44 -12.10
C LEU A 264 2.52 11.68 -11.92
N SER A 265 2.71 12.68 -12.79
CA SER A 265 1.97 13.93 -12.64
C SER A 265 0.46 13.72 -12.80
N GLN A 266 0.06 12.78 -13.66
CA GLN A 266 -1.36 12.47 -13.76
C GLN A 266 -1.83 11.69 -12.54
N MET A 267 -0.94 10.97 -11.88
CA MET A 267 -1.32 10.27 -10.67
C MET A 267 -1.43 11.22 -9.50
N LEU A 268 -0.83 12.40 -9.61
CA LEU A 268 -0.82 13.39 -8.54
C LEU A 268 -1.57 14.67 -8.91
N HIS A 269 -2.58 14.63 -9.81
CA HIS A 269 -3.48 15.78 -9.87
C HIS A 269 -4.18 16.00 -8.55
N TYR A 270 -4.35 17.27 -8.21
CA TYR A 270 -5.10 17.67 -7.02
C TYR A 270 -6.54 17.21 -7.09
N ASP A 271 -7.22 17.48 -8.20
CA ASP A 271 -8.65 17.17 -8.29
C ASP A 271 -8.83 15.67 -8.46
N PRO A 272 -9.49 15.01 -7.51
CA PRO A 272 -9.61 13.54 -7.60
C PRO A 272 -10.31 13.07 -8.87
N ASN A 273 -11.20 13.89 -9.45
CA ASN A 273 -11.84 13.49 -10.70
C ASN A 273 -10.87 13.58 -11.88
N LYS A 274 -9.90 14.48 -11.83
CA LYS A 274 -8.88 14.57 -12.87
C LYS A 274 -7.76 13.55 -12.70
N ARG A 275 -7.56 12.98 -11.50
CA ARG A 275 -6.50 12.00 -11.30
C ARG A 275 -6.72 10.76 -12.15
N ILE A 276 -5.63 10.24 -12.75
CA ILE A 276 -5.75 9.11 -13.66
C ILE A 276 -6.29 7.87 -12.92
N SER A 277 -7.12 7.10 -13.60
CA SER A 277 -7.63 5.83 -13.11
C SER A 277 -6.57 4.72 -13.25
N ALA A 278 -6.74 3.68 -12.44
CA ALA A 278 -5.87 2.50 -12.55
C ALA A 278 -5.90 1.91 -13.97
N LYS A 279 -7.10 1.70 -14.54
CA LYS A 279 -7.17 1.20 -15.91
C LYS A 279 -6.47 2.11 -16.91
N ALA A 280 -6.77 3.41 -16.87
CA ALA A 280 -6.15 4.30 -17.85
C ALA A 280 -4.63 4.28 -17.70
N ALA A 281 -4.14 4.17 -16.46
CA ALA A 281 -2.70 4.20 -16.23
C ALA A 281 -2.01 3.01 -16.87
N LEU A 282 -2.70 1.86 -16.95
CA LEU A 282 -2.09 0.68 -17.53
C LEU A 282 -1.76 0.90 -19.00
N ALA A 283 -2.51 1.75 -19.68
CA ALA A 283 -2.29 2.04 -21.10
C ALA A 283 -1.24 3.11 -21.34
N HIS A 284 -0.57 3.59 -20.29
CA HIS A 284 0.34 4.71 -20.45
C HIS A 284 1.60 4.27 -21.19
N PRO A 285 2.12 5.12 -22.11
CA PRO A 285 3.35 4.78 -22.86
C PRO A 285 4.52 4.38 -21.97
N PHE A 286 4.54 4.83 -20.72
CA PHE A 286 5.59 4.42 -19.79
C PHE A 286 5.70 2.90 -19.71
N PHE A 287 4.58 2.20 -19.81
CA PHE A 287 4.51 0.77 -19.52
C PHE A 287 4.70 -0.10 -20.75
N GLN A 288 4.90 0.48 -21.92
CA GLN A 288 4.75 -0.33 -23.10
C GLN A 288 5.97 -1.20 -23.40
N ASP A 289 7.07 -1.07 -22.64
CA ASP A 289 8.16 -2.04 -22.67
C ASP A 289 8.27 -2.80 -21.36
N VAL A 290 7.18 -2.93 -20.62
CA VAL A 290 7.23 -3.55 -19.30
C VAL A 290 7.46 -5.05 -19.44
N THR A 291 8.25 -5.61 -18.51
CA THR A 291 8.46 -7.05 -18.42
C THR A 291 8.21 -7.51 -16.99
N LYS A 292 8.55 -8.75 -16.68
CA LYS A 292 8.44 -9.26 -15.31
C LYS A 292 9.79 -9.84 -14.89
N PRO A 293 10.75 -8.98 -14.56
CA PRO A 293 12.06 -9.47 -14.13
C PRO A 293 12.02 -9.92 -12.68
N VAL A 294 12.89 -10.85 -12.34
CA VAL A 294 12.99 -11.32 -10.97
C VAL A 294 13.77 -10.28 -10.20
N PRO A 295 13.52 -10.19 -8.88
CA PRO A 295 14.22 -9.22 -8.04
C PRO A 295 15.74 -9.30 -8.20
N HIS A 296 16.36 -8.14 -8.32
CA HIS A 296 17.82 -8.07 -8.48
C HIS A 296 18.56 -8.52 -7.23
N LEU A 297 17.85 -8.54 -6.10
CA LEU A 297 18.44 -8.96 -4.84
C LEU A 297 17.95 -10.34 -4.48
N ARG A 298 18.50 -10.93 -3.42
CA ARG A 298 18.07 -12.27 -3.03
C ARG A 298 16.69 -12.29 -2.37
N LEU A 299 16.04 -11.13 -2.29
CA LEU A 299 14.72 -11.03 -1.67
C LEU A 299 13.73 -12.05 -2.23
N ASP B 1 -12.64 -31.92 7.23
CA ASP B 1 -11.65 -31.64 8.27
C ASP B 1 -11.18 -30.19 8.22
N PRO B 2 -10.80 -29.64 9.37
CA PRO B 2 -10.26 -28.28 9.39
C PRO B 2 -8.86 -28.25 8.80
N ALA B 3 -8.42 -27.05 8.44
CA ALA B 3 -7.09 -26.91 7.87
C ALA B 3 -6.03 -27.23 8.92
N TRP B 4 -4.83 -27.56 8.46
CA TRP B 4 -3.77 -27.96 9.38
C TRP B 4 -3.38 -26.82 10.30
N TRP B 5 -3.46 -25.57 9.82
CA TRP B 5 -2.97 -24.47 10.62
C TRP B 5 -3.88 -24.13 11.79
N VAL B 6 -5.02 -24.80 11.94
CA VAL B 6 -5.83 -24.66 13.15
C VAL B 6 -4.98 -24.95 14.37
N CYS B 7 -4.04 -25.89 14.25
CA CYS B 7 -3.16 -26.19 15.37
C CYS B 7 -2.16 -25.06 15.61
N ALA B 8 -1.72 -24.37 14.54
CA ALA B 8 -0.76 -23.27 14.72
C ALA B 8 -1.38 -22.12 15.52
N ILE B 9 -2.67 -21.84 15.28
CA ILE B 9 -3.34 -20.83 16.08
C ILE B 9 -3.50 -21.31 17.52
N ALA B 10 -3.94 -22.57 17.69
CA ALA B 10 -4.01 -23.15 19.02
C ALA B 10 -2.68 -23.02 19.76
N ALA B 11 -1.56 -23.14 19.05
CA ALA B 11 -0.26 -23.05 19.72
C ALA B 11 0.09 -21.61 20.10
N ILE B 12 -0.25 -20.65 19.24
CA ILE B 12 0.05 -19.26 19.57
C ILE B 12 -0.81 -18.80 20.74
N GLU B 13 -2.11 -19.13 20.71
CA GLU B 13 -2.99 -18.83 21.83
C GLU B 13 -2.45 -19.42 23.13
N CYS B 14 -1.92 -20.63 23.06
CA CYS B 14 -1.42 -21.31 24.26
C CYS B 14 -0.19 -20.59 24.82
N SER B 15 0.71 -20.13 23.95
CA SER B 15 1.96 -19.50 24.38
C SER B 15 1.84 -17.99 24.51
N ASP B 16 0.64 -17.42 24.39
CA ASP B 16 0.43 -16.00 24.63
C ASP B 16 -0.07 -15.87 26.07
N VAL B 17 0.85 -15.61 26.99
CA VAL B 17 0.55 -15.56 28.41
C VAL B 17 1.06 -14.25 29.02
#